data_5ONX
#
_entry.id   5ONX
#
_cell.length_a   89.970
_cell.length_b   89.970
_cell.length_c   143.560
_cell.angle_alpha   90.00
_cell.angle_beta   90.00
_cell.angle_gamma   120.00
#
_symmetry.space_group_name_H-M   'H 3'
#
loop_
_entity.id
_entity.type
_entity.pdbx_description
1 polymer 'Copper-containing nitrite reductase'
2 non-polymer 'COPPER (II) ION'
3 non-polymer 'ZINC ION'
4 non-polymer 'OXYGEN MOLECULE'
5 non-polymer '2-(N-MORPHOLINO)-ETHANESULFONIC ACID'
6 non-polymer 'TETRAETHYLENE GLYCOL'
7 water water
#
_entity_poly.entity_id   1
_entity_poly.type   'polypeptide(L)'
_entity_poly.pdbx_seq_one_letter_code
;DADKLPHTKVTLVAPPQVHPHEQATKSGPKVVEFTMTIEEKKMVIDDKGTTLQAMTFNGSMPGPTLVVHEGDYVQLTLVN
PATNAMPHNVDFHGATGALGGAKLTNVNPGEQATLRFKADRSGTFVYHCAPEGMVPWHVVSGMSGTLMVLPRDGLKDPQG
KPLHYDRAYTIGEFDLYIPKGPDGKYKDYATLAESYGDTVQVMRTLTPSHIVFNGKVGALTGANALTAKVGETVLLIHSQ
ANRDTRPHLIGGHGDWVWETGKFANPPQRDLETWFIRGGSAGAALYTFKQPGVYAYLNHNLIEAFELGAAGHIKVEGKWN
DDLMKQIKAPAPIPR
;
_entity_poly.pdbx_strand_id   A
#
# COMPACT_ATOMS: atom_id res chain seq x y z
N ASP A 1 -25.94 -11.01 15.99
CA ASP A 1 -25.73 -9.80 15.12
C ASP A 1 -24.93 -8.67 15.77
N ALA A 2 -24.44 -7.78 14.91
CA ALA A 2 -23.38 -6.79 15.25
C ALA A 2 -23.58 -5.96 16.52
N ASP A 3 -24.84 -5.68 16.87
CA ASP A 3 -25.15 -4.93 18.08
C ASP A 3 -24.89 -5.75 19.35
N LYS A 4 -24.95 -7.08 19.24
CA LYS A 4 -24.66 -7.99 20.37
C LYS A 4 -23.20 -8.43 20.49
N LEU A 5 -22.37 -8.14 19.48
CA LEU A 5 -20.99 -8.67 19.47
C LEU A 5 -20.05 -7.85 20.35
N PRO A 6 -19.00 -8.48 20.91
CA PRO A 6 -17.94 -7.71 21.58
C PRO A 6 -17.30 -6.67 20.64
N HIS A 7 -16.93 -5.51 21.20
CA HIS A 7 -16.13 -4.49 20.49
C HIS A 7 -14.67 -4.58 20.91
N THR A 8 -13.80 -4.18 19.99
CA THR A 8 -12.36 -4.09 20.24
C THR A 8 -11.87 -2.80 19.57
N LYS A 9 -10.81 -2.21 20.12
CA LYS A 9 -10.26 -0.95 19.62
C LYS A 9 -8.83 -1.17 19.17
N VAL A 10 -8.57 -0.92 17.89
CA VAL A 10 -7.24 -1.05 17.33
C VAL A 10 -6.54 0.29 17.16
N THR A 11 -5.29 0.35 17.60
CA THR A 11 -4.47 1.52 17.42
C THR A 11 -3.69 1.30 16.13
N LEU A 12 -3.84 2.20 15.16
CA LEU A 12 -3.12 2.05 13.89
C LEU A 12 -1.66 2.47 14.00
N VAL A 13 -0.85 1.96 13.09
CA VAL A 13 0.56 2.33 12.97
C VAL A 13 0.90 2.77 11.53
N ALA A 14 1.94 3.58 11.44
CA ALA A 14 2.36 4.23 10.21
C ALA A 14 2.96 3.20 9.31
N PRO A 15 2.60 3.22 8.02
CA PRO A 15 3.45 2.41 7.08
C PRO A 15 4.96 2.67 7.15
N PRO A 16 5.79 1.70 6.77
CA PRO A 16 5.43 0.44 6.15
C PRO A 16 5.10 -0.67 7.15
N GLN A 17 5.08 -0.35 8.45
CA GLN A 17 4.65 -1.36 9.42
C GLN A 17 3.16 -1.52 9.33
N VAL A 18 2.68 -2.59 9.96
CA VAL A 18 1.30 -2.95 10.10
C VAL A 18 1.03 -3.31 11.58
N HIS A 19 -0.11 -2.85 12.09
CA HIS A 19 -0.40 -2.96 13.51
C HIS A 19 -0.40 -4.41 13.94
N PRO A 20 -0.11 -4.64 15.22
CA PRO A 20 -0.10 -6.01 15.70
C PRO A 20 -1.44 -6.69 15.48
N HIS A 21 -1.38 -7.97 15.14
CA HIS A 21 -2.57 -8.76 14.94
C HIS A 21 -2.25 -10.24 14.94
N GLU A 22 -3.28 -11.07 15.09
CA GLU A 22 -3.16 -12.50 14.99
C GLU A 22 -3.44 -12.90 13.55
N GLN A 23 -2.86 -14.00 13.10
CA GLN A 23 -3.23 -14.61 11.85
C GLN A 23 -4.36 -15.57 12.16
N ALA A 24 -4.15 -16.87 12.24
CA ALA A 24 -5.22 -17.73 12.73
C ALA A 24 -5.60 -17.32 14.17
N THR A 25 -6.89 -17.37 14.46
CA THR A 25 -7.41 -16.92 15.75
C THR A 25 -8.49 -17.88 16.26
N LYS A 26 -8.54 -18.00 17.59
CA LYS A 26 -9.62 -18.74 18.25
C LYS A 26 -10.73 -17.80 18.66
N SER A 27 -10.51 -16.50 18.43
CA SER A 27 -11.50 -15.47 18.70
C SER A 27 -12.69 -15.57 17.74
N GLY A 28 -13.88 -15.28 18.25
CA GLY A 28 -15.06 -15.13 17.43
C GLY A 28 -15.13 -13.71 16.87
N PRO A 29 -16.14 -13.45 16.03
CA PRO A 29 -16.37 -12.15 15.42
C PRO A 29 -16.48 -11.02 16.40
N LYS A 30 -15.89 -9.87 16.04
CA LYS A 30 -15.95 -8.66 16.81
C LYS A 30 -16.27 -7.48 15.88
N VAL A 31 -16.76 -6.41 16.50
CA VAL A 31 -16.81 -5.09 15.87
C VAL A 31 -15.49 -4.44 16.21
N VAL A 32 -14.63 -4.26 15.20
CA VAL A 32 -13.29 -3.74 15.40
C VAL A 32 -13.33 -2.25 15.08
N GLU A 33 -13.03 -1.42 16.07
CA GLU A 33 -13.13 0.02 15.94
C GLU A 33 -11.78 0.63 15.55
N PHE A 34 -11.82 1.51 14.54
CA PHE A 34 -10.66 2.26 14.07
C PHE A 34 -11.04 3.74 13.94
N THR A 35 -10.05 4.62 14.08
CA THR A 35 -10.21 6.03 13.71
C THR A 35 -9.07 6.50 12.78
N MET A 36 -9.46 7.21 11.73
CA MET A 36 -8.55 7.94 10.87
C MET A 36 -8.92 9.43 10.74
N THR A 37 -7.89 10.26 10.72
CA THR A 37 -7.98 11.70 10.59
C THR A 37 -7.29 12.12 9.29
N ILE A 38 -8.03 12.78 8.43
CA ILE A 38 -7.50 13.27 7.15
C ILE A 38 -6.57 14.47 7.35
N GLU A 39 -5.41 14.46 6.69
CA GLU A 39 -4.51 15.57 6.64
C GLU A 39 -4.13 15.94 5.21
N GLU A 40 -4.53 17.13 4.80
CA GLU A 40 -3.99 17.74 3.57
C GLU A 40 -2.69 18.42 3.91
N LYS A 41 -1.63 18.13 3.15
CA LYS A 41 -0.38 18.82 3.35
C LYS A 41 0.48 18.82 2.10
N LYS A 42 1.38 19.78 2.02
CA LYS A 42 2.36 19.82 0.94
C LYS A 42 3.51 18.93 1.30
N MET A 43 3.92 18.06 0.38
CA MET A 43 4.98 17.07 0.65
C MET A 43 6.06 17.15 -0.40
N VAL A 44 7.30 16.95 0.01
CA VAL A 44 8.42 16.84 -0.91
C VAL A 44 8.54 15.39 -1.33
N ILE A 45 8.51 15.15 -2.66
CA ILE A 45 8.33 13.81 -3.19
C ILE A 45 9.54 13.27 -3.92
N ASP A 46 10.60 14.07 -4.13
CA ASP A 46 11.81 13.60 -4.82
C ASP A 46 13.06 14.32 -4.25
N ASP A 47 14.22 14.06 -4.83
CA ASP A 47 15.46 14.46 -4.20
C ASP A 47 15.91 15.82 -4.68
N LYS A 48 15.12 16.45 -5.55
CA LYS A 48 15.42 17.79 -6.06
C LYS A 48 14.39 18.82 -5.55
N GLY A 49 13.58 18.42 -4.58
CA GLY A 49 12.69 19.32 -3.88
C GLY A 49 11.34 19.56 -4.53
N THR A 50 10.96 18.68 -5.45
CA THR A 50 9.64 18.83 -6.06
C THR A 50 8.63 18.62 -4.98
N THR A 51 7.56 19.41 -4.99
CA THR A 51 6.44 19.23 -4.09
C THR A 51 5.13 18.72 -4.71
N LEU A 52 4.36 18.06 -3.86
CA LEU A 52 3.06 17.62 -4.17
C LEU A 52 2.09 18.22 -3.18
N GLN A 53 1.05 18.87 -3.71
CA GLN A 53 -0.11 19.23 -2.87
C GLN A 53 -0.89 17.94 -2.60
N ALA A 54 -0.62 17.34 -1.44
CA ALA A 54 -1.05 16.00 -1.10
C ALA A 54 -2.25 15.96 -0.19
N MET A 55 -2.88 14.79 -0.18
CA MET A 55 -4.04 14.49 0.66
C MET A 55 -3.86 13.10 1.22
N THR A 56 -3.96 12.96 2.55
CA THR A 56 -3.68 11.68 3.21
C THR A 56 -4.70 11.29 4.24
N PHE A 57 -4.83 9.98 4.40
CA PHE A 57 -5.40 9.40 5.63
C PHE A 57 -4.29 9.26 6.68
N ASN A 58 -4.51 9.86 7.86
CA ASN A 58 -3.54 9.74 8.97
C ASN A 58 -2.13 10.32 8.73
N GLY A 59 -1.97 11.20 7.75
CA GLY A 59 -0.69 11.87 7.53
C GLY A 59 0.28 11.14 6.65
N SER A 60 -0.02 9.91 6.23
CA SER A 60 0.95 9.15 5.42
C SER A 60 0.39 8.76 4.05
N MET A 61 1.29 8.61 3.09
CA MET A 61 1.03 7.87 1.84
C MET A 61 1.79 6.50 1.93
N PRO A 62 1.07 5.36 1.82
CA PRO A 62 -0.39 5.21 1.88
C PRO A 62 -0.93 5.50 3.25
N GLY A 63 -2.27 5.52 3.39
CA GLY A 63 -2.90 5.40 4.70
C GLY A 63 -2.41 4.13 5.41
N PRO A 64 -2.61 4.05 6.73
CA PRO A 64 -2.25 2.86 7.46
C PRO A 64 -3.04 1.63 6.99
N THR A 65 -2.45 0.45 7.11
CA THR A 65 -3.18 -0.78 6.88
C THR A 65 -4.03 -1.18 8.11
N LEU A 66 -5.31 -1.47 7.86
CA LEU A 66 -6.29 -1.92 8.88
C LEU A 66 -6.43 -3.42 8.75
N VAL A 67 -6.24 -4.17 9.84
CA VAL A 67 -6.32 -5.64 9.81
C VAL A 67 -7.48 -6.15 10.70
N VAL A 68 -8.35 -6.93 10.08
CA VAL A 68 -9.42 -7.65 10.76
C VAL A 68 -9.46 -9.09 10.26
N HIS A 69 -10.41 -9.87 10.76
CA HIS A 69 -10.69 -11.21 10.28
C HIS A 69 -12.07 -11.34 9.64
N GLU A 70 -12.16 -12.28 8.71
CA GLU A 70 -13.38 -12.59 8.00
C GLU A 70 -14.50 -12.80 9.00
N GLY A 71 -15.64 -12.16 8.79
CA GLY A 71 -16.74 -12.19 9.79
C GLY A 71 -16.75 -11.09 10.86
N ASP A 72 -15.61 -10.42 11.12
CA ASP A 72 -15.60 -9.15 11.88
C ASP A 72 -16.35 -8.05 11.14
N TYR A 73 -16.68 -6.99 11.87
CA TYR A 73 -17.21 -5.75 11.34
C TYR A 73 -16.11 -4.70 11.54
N VAL A 74 -15.85 -3.93 10.49
CA VAL A 74 -15.02 -2.76 10.60
C VAL A 74 -15.91 -1.58 10.94
N GLN A 75 -15.54 -0.86 11.97
CA GLN A 75 -16.25 0.36 12.37
C GLN A 75 -15.24 1.53 12.44
N LEU A 76 -15.22 2.34 11.37
CA LEU A 76 -14.28 3.41 11.23
C LEU A 76 -14.94 4.74 11.53
N THR A 77 -14.31 5.51 12.40
CA THR A 77 -14.64 6.91 12.56
C THR A 77 -13.72 7.70 11.62
N LEU A 78 -14.30 8.42 10.64
CA LEU A 78 -13.50 9.22 9.71
C LEU A 78 -13.61 10.68 10.13
N VAL A 79 -12.49 11.29 10.46
CA VAL A 79 -12.42 12.69 10.90
C VAL A 79 -11.79 13.60 9.83
N ASN A 80 -12.49 14.70 9.51
CA ASN A 80 -11.97 15.72 8.58
C ASN A 80 -11.82 17.04 9.33
N PRO A 81 -10.64 17.32 9.85
CA PRO A 81 -10.43 18.57 10.67
C PRO A 81 -10.70 19.86 9.93
N ALA A 82 -11.10 20.88 10.68
CA ALA A 82 -11.42 22.17 10.09
C ALA A 82 -10.24 22.86 9.42
N THR A 83 -9.02 22.43 9.72
CA THR A 83 -7.79 22.90 9.07
C THR A 83 -7.62 22.41 7.62
N ASN A 84 -8.42 21.41 7.24
CA ASN A 84 -8.46 20.97 5.84
C ASN A 84 -9.34 21.90 5.02
N ALA A 85 -9.08 21.93 3.72
CA ALA A 85 -9.84 22.75 2.77
C ALA A 85 -10.93 22.03 1.98
N MET A 86 -10.79 20.72 1.75
CA MET A 86 -11.70 19.97 0.87
C MET A 86 -12.58 18.98 1.61
N PRO A 87 -13.78 18.67 1.07
CA PRO A 87 -14.56 17.55 1.61
C PRO A 87 -13.85 16.25 1.26
N HIS A 88 -14.14 15.20 2.04
CA HIS A 88 -13.56 13.88 1.87
C HIS A 88 -14.61 12.84 2.27
N ASN A 89 -14.30 11.56 2.04
CA ASN A 89 -15.12 10.39 2.34
C ASN A 89 -14.19 9.16 2.23
N VAL A 90 -14.76 7.97 2.34
CA VAL A 90 -13.94 6.76 2.09
C VAL A 90 -14.75 5.68 1.44
N ASP A 91 -14.12 4.99 0.48
CA ASP A 91 -14.72 3.91 -0.25
C ASP A 91 -13.85 2.69 0.06
N PHE A 92 -14.43 1.73 0.81
CA PHE A 92 -13.73 0.50 1.14
C PHE A 92 -14.08 -0.53 0.10
N HIS A 93 -13.12 -0.99 -0.69
CA HIS A 93 -13.41 -2.09 -1.61
C HIS A 93 -13.80 -3.41 -0.90
N GLY A 94 -13.48 -3.53 0.39
CA GLY A 94 -13.82 -4.69 1.16
C GLY A 94 -15.26 -4.69 1.61
N ALA A 95 -15.95 -3.57 1.40
CA ALA A 95 -17.32 -3.38 1.89
C ALA A 95 -18.39 -3.55 0.80
N THR A 96 -19.63 -3.87 1.25
CA THR A 96 -20.77 -4.05 0.37
C THR A 96 -21.86 -2.97 0.57
N GLY A 97 -22.07 -2.18 -0.49
CA GLY A 97 -23.10 -1.12 -0.52
C GLY A 97 -22.58 0.31 -0.52
N ALA A 98 -23.49 1.21 -0.91
CA ALA A 98 -23.35 2.68 -0.82
C ALA A 98 -22.01 3.18 -1.30
N LEU A 99 -21.63 2.71 -2.48
CA LEU A 99 -20.33 3.05 -3.10
C LEU A 99 -19.16 2.81 -2.16
N GLY A 100 -19.19 1.65 -1.50
CA GLY A 100 -18.13 1.22 -0.59
C GLY A 100 -18.14 1.98 0.75
N GLY A 101 -19.22 2.70 1.01
CA GLY A 101 -19.20 3.61 2.16
C GLY A 101 -19.09 5.09 1.82
N ALA A 102 -18.71 5.42 0.59
CA ALA A 102 -18.51 6.80 0.20
C ALA A 102 -19.80 7.60 0.45
N LYS A 103 -20.94 7.02 0.13
CA LYS A 103 -22.21 7.76 0.28
C LYS A 103 -22.55 8.10 1.71
N LEU A 104 -21.98 7.39 2.68
CA LEU A 104 -22.30 7.53 4.12
C LEU A 104 -21.21 8.21 4.96
N THR A 105 -20.11 8.64 4.32
CA THR A 105 -18.96 9.20 4.99
C THR A 105 -18.50 10.57 4.41
N ASN A 106 -19.42 11.27 3.73
CA ASN A 106 -19.09 12.58 3.14
C ASN A 106 -18.90 13.60 4.26
N VAL A 107 -17.64 13.92 4.58
CA VAL A 107 -17.31 14.85 5.66
C VAL A 107 -16.68 16.15 5.13
N ASN A 108 -17.29 17.31 5.41
CA ASN A 108 -16.64 18.60 5.15
C ASN A 108 -15.63 18.94 6.24
N PRO A 109 -14.72 19.90 6.01
CA PRO A 109 -13.78 20.23 7.10
C PRO A 109 -14.56 20.65 8.33
N GLY A 110 -14.13 20.16 9.48
CA GLY A 110 -14.82 20.30 10.77
C GLY A 110 -15.85 19.22 11.07
N GLU A 111 -16.00 18.21 10.21
CA GLU A 111 -16.97 17.13 10.43
C GLU A 111 -16.31 15.75 10.56
N GLN A 112 -17.06 14.84 11.16
CA GLN A 112 -16.69 13.43 11.21
C GLN A 112 -17.90 12.52 11.07
N ALA A 113 -17.64 11.23 10.80
CA ALA A 113 -18.70 10.23 10.66
C ALA A 113 -18.15 8.86 10.99
N THR A 114 -19.07 7.94 11.29
CA THR A 114 -18.72 6.59 11.68
C THR A 114 -19.50 5.60 10.83
N LEU A 115 -18.75 4.75 10.10
CA LEU A 115 -19.28 3.73 9.25
C LEU A 115 -18.98 2.36 9.83
N ARG A 116 -19.95 1.46 9.74
CA ARG A 116 -19.71 0.07 10.01
C ARG A 116 -20.08 -0.72 8.75
N PHE A 117 -19.27 -1.73 8.46
CA PHE A 117 -19.58 -2.72 7.49
C PHE A 117 -19.03 -4.07 7.91
N LYS A 118 -19.57 -5.11 7.30
CA LYS A 118 -19.14 -6.48 7.57
C LYS A 118 -18.02 -6.85 6.62
N ALA A 119 -16.95 -7.36 7.18
CA ALA A 119 -15.79 -7.79 6.39
C ALA A 119 -16.01 -9.25 6.12
N ASP A 120 -16.97 -9.53 5.23
CA ASP A 120 -17.39 -10.89 4.89
C ASP A 120 -16.54 -11.62 3.86
N ARG A 121 -15.50 -10.95 3.32
CA ARG A 121 -14.61 -11.55 2.33
C ARG A 121 -13.14 -11.38 2.71
N SER A 122 -12.35 -12.46 2.60
CA SER A 122 -10.97 -12.45 2.97
C SER A 122 -10.14 -11.83 1.84
N GLY A 123 -9.13 -11.10 2.23
CA GLY A 123 -8.15 -10.59 1.24
C GLY A 123 -7.58 -9.25 1.63
N THR A 124 -6.72 -8.73 0.74
CA THR A 124 -6.22 -7.36 0.86
C THR A 124 -7.10 -6.53 -0.06
N PHE A 125 -7.69 -5.44 0.47
CA PHE A 125 -8.57 -4.58 -0.32
C PHE A 125 -8.17 -3.13 -0.23
N VAL A 126 -8.20 -2.40 -1.35
CA VAL A 126 -7.95 -0.99 -1.30
C VAL A 126 -9.10 -0.29 -0.61
N TYR A 127 -8.78 0.73 0.17
CA TYR A 127 -9.71 1.79 0.47
C TYR A 127 -9.18 3.12 -0.07
N HIS A 128 -10.10 4.02 -0.45
CA HIS A 128 -9.64 5.30 -0.95
C HIS A 128 -10.72 6.34 -0.85
N CYS A 129 -10.34 7.60 -0.91
CA CYS A 129 -11.28 8.71 -0.86
C CYS A 129 -11.94 8.79 -2.26
N ALA A 130 -13.20 9.23 -2.34
CA ALA A 130 -13.93 9.27 -3.58
C ALA A 130 -15.07 10.29 -3.50
N PRO A 131 -14.72 11.61 -3.40
CA PRO A 131 -15.79 12.64 -3.34
C PRO A 131 -16.37 12.83 -4.73
N GLU A 132 -17.69 13.03 -4.81
CA GLU A 132 -18.34 13.19 -6.13
C GLU A 132 -17.68 14.32 -6.89
N GLY A 133 -17.34 14.01 -8.15
CA GLY A 133 -16.71 14.94 -9.07
C GLY A 133 -15.23 15.18 -8.88
N MET A 134 -14.62 14.62 -7.83
CA MET A 134 -13.19 14.83 -7.55
C MET A 134 -12.46 13.52 -7.33
N VAL A 135 -12.96 12.44 -7.87
CA VAL A 135 -12.46 11.12 -7.38
C VAL A 135 -10.96 10.93 -7.73
N PRO A 136 -10.62 10.95 -9.02
CA PRO A 136 -9.22 10.71 -9.31
C PRO A 136 -8.25 11.64 -8.63
N TRP A 137 -8.54 12.93 -8.52
CA TRP A 137 -7.65 13.85 -7.85
C TRP A 137 -7.37 13.46 -6.43
N HIS A 138 -8.40 13.11 -5.64
CA HIS A 138 -8.12 12.70 -4.28
C HIS A 138 -7.25 11.42 -4.17
N VAL A 139 -7.51 10.47 -5.06
CA VAL A 139 -6.76 9.22 -5.10
C VAL A 139 -5.32 9.48 -5.45
N VAL A 140 -5.09 10.12 -6.60
CA VAL A 140 -3.70 10.36 -7.02
C VAL A 140 -2.90 11.27 -6.10
N SER A 141 -3.59 12.12 -5.33
CA SER A 141 -2.91 13.00 -4.41
C SER A 141 -2.49 12.30 -3.10
N GLY A 142 -2.83 11.01 -2.94
CA GLY A 142 -2.40 10.22 -1.81
C GLY A 142 -3.46 9.49 -0.99
N MET A 143 -4.77 9.63 -1.29
CA MET A 143 -5.82 9.10 -0.41
C MET A 143 -6.22 7.65 -0.67
N SER A 144 -5.32 6.75 -0.31
CA SER A 144 -5.59 5.34 -0.35
C SER A 144 -4.71 4.53 0.63
N GLY A 145 -5.19 3.31 0.89
CA GLY A 145 -4.50 2.37 1.74
C GLY A 145 -5.15 1.01 1.64
N THR A 146 -4.74 0.09 2.52
CA THR A 146 -5.18 -1.29 2.51
C THR A 146 -5.99 -1.73 3.78
N LEU A 147 -7.09 -2.41 3.53
CA LEU A 147 -7.83 -3.20 4.56
C LEU A 147 -7.45 -4.65 4.28
N MET A 148 -6.82 -5.30 5.25
CA MET A 148 -6.54 -6.73 5.13
C MET A 148 -7.53 -7.50 5.99
N VAL A 149 -8.31 -8.36 5.35
CA VAL A 149 -9.28 -9.24 6.01
C VAL A 149 -8.70 -10.65 5.98
N LEU A 150 -8.13 -11.09 7.10
CA LEU A 150 -7.54 -12.45 7.17
C LEU A 150 -8.61 -13.52 7.39
N PRO A 151 -8.45 -14.70 6.78
CA PRO A 151 -9.33 -15.79 7.12
C PRO A 151 -9.16 -16.08 8.62
N ARG A 152 -10.24 -16.51 9.22
CA ARG A 152 -10.23 -16.76 10.65
C ARG A 152 -9.22 -17.85 11.04
N ASP A 153 -8.98 -18.84 10.19
CA ASP A 153 -7.94 -19.84 10.44
C ASP A 153 -6.61 -19.64 9.69
N GLY A 154 -6.29 -18.38 9.36
CA GLY A 154 -5.05 -18.02 8.74
C GLY A 154 -5.01 -18.29 7.24
N LEU A 155 -3.88 -17.95 6.65
CA LEU A 155 -3.67 -18.19 5.21
C LEU A 155 -3.47 -19.65 4.93
N LYS A 156 -3.85 -20.06 3.73
CA LYS A 156 -3.76 -21.44 3.29
C LYS A 156 -3.13 -21.53 1.91
N ASP A 157 -2.31 -22.55 1.71
CA ASP A 157 -1.81 -22.90 0.34
C ASP A 157 -2.85 -23.65 -0.56
N PRO A 158 -2.51 -23.97 -1.84
CA PRO A 158 -3.51 -24.56 -2.75
C PRO A 158 -4.06 -25.92 -2.32
N GLN A 159 -3.28 -26.61 -1.49
CA GLN A 159 -3.67 -27.88 -0.85
C GLN A 159 -4.35 -27.71 0.51
N GLY A 160 -4.59 -26.47 0.95
CA GLY A 160 -5.19 -26.20 2.25
C GLY A 160 -4.23 -26.28 3.41
N LYS A 161 -2.94 -26.42 3.14
CA LYS A 161 -1.96 -26.50 4.23
C LYS A 161 -1.78 -25.10 4.77
N PRO A 162 -1.36 -24.97 6.04
CA PRO A 162 -1.21 -23.63 6.59
C PRO A 162 -0.02 -22.86 6.01
N LEU A 163 -0.23 -21.56 5.78
CA LEU A 163 0.86 -20.61 5.50
C LEU A 163 0.87 -19.53 6.60
N HIS A 164 2.05 -18.93 6.82
CA HIS A 164 2.12 -17.79 7.75
C HIS A 164 3.19 -16.78 7.33
N TYR A 165 3.08 -15.58 7.90
CA TYR A 165 4.21 -14.66 7.93
C TYR A 165 4.67 -14.31 9.38
N ASP A 166 5.96 -14.02 9.46
CA ASP A 166 6.60 -13.56 10.68
C ASP A 166 6.66 -12.08 10.80
N ARG A 167 6.63 -11.35 9.67
CA ARG A 167 6.44 -9.91 9.75
C ARG A 167 5.73 -9.47 8.50
N ALA A 168 5.04 -8.36 8.61
CA ALA A 168 4.31 -7.80 7.48
C ALA A 168 4.73 -6.38 7.15
N TYR A 169 4.84 -6.06 5.84
CA TYR A 169 5.13 -4.66 5.45
C TYR A 169 4.07 -4.24 4.45
N THR A 170 3.70 -2.95 4.50
CA THR A 170 2.68 -2.42 3.60
C THR A 170 3.31 -1.37 2.71
N ILE A 171 3.22 -1.60 1.40
CA ILE A 171 3.80 -0.67 0.37
C ILE A 171 2.60 -0.14 -0.46
N GLY A 172 2.47 1.18 -0.54
CA GLY A 172 1.54 1.85 -1.49
C GLY A 172 2.34 2.48 -2.57
N GLU A 173 1.88 2.29 -3.82
CA GLU A 173 2.60 2.83 -4.97
C GLU A 173 1.75 3.86 -5.59
N PHE A 174 2.32 5.08 -5.71
CA PHE A 174 1.59 6.28 -6.12
C PHE A 174 2.11 6.89 -7.41
N ASP A 175 1.25 6.81 -8.44
CA ASP A 175 1.45 7.49 -9.70
C ASP A 175 1.10 8.94 -9.53
N LEU A 176 2.10 9.81 -9.66
CA LEU A 176 1.87 11.23 -9.46
C LEU A 176 1.91 11.98 -10.74
N TYR A 177 1.20 13.13 -10.76
CA TYR A 177 1.05 13.94 -11.95
C TYR A 177 1.36 15.42 -11.66
N ILE A 178 2.65 15.71 -11.48
CA ILE A 178 3.08 17.05 -11.06
C ILE A 178 3.21 17.95 -12.28
N PRO A 179 2.47 19.09 -12.27
CA PRO A 179 2.61 20.01 -13.46
C PRO A 179 3.92 20.79 -13.51
N LYS A 180 4.18 21.25 -14.71
CA LYS A 180 5.37 22.00 -15.04
C LYS A 180 4.95 23.30 -15.66
N GLY A 181 5.78 24.33 -15.45
CA GLY A 181 5.52 25.64 -16.03
C GLY A 181 6.27 25.82 -17.35
N PRO A 182 6.18 27.02 -17.95
CA PRO A 182 6.86 27.30 -19.22
C PRO A 182 8.39 27.05 -19.22
N ASP A 183 9.04 27.17 -18.06
CA ASP A 183 10.48 26.89 -17.94
C ASP A 183 10.86 25.38 -17.81
N GLY A 184 9.87 24.49 -17.84
CA GLY A 184 10.10 23.04 -17.71
C GLY A 184 10.40 22.58 -16.27
N LYS A 185 10.25 23.49 -15.32
CA LYS A 185 10.42 23.17 -13.91
C LYS A 185 9.06 22.76 -13.32
N TYR A 186 9.09 21.90 -12.31
CA TYR A 186 7.84 21.51 -11.61
C TYR A 186 7.28 22.70 -10.85
N LYS A 187 5.97 22.87 -10.94
CA LYS A 187 5.25 23.96 -10.26
C LYS A 187 5.10 23.68 -8.78
N ASP A 188 5.17 24.77 -7.96
CA ASP A 188 4.98 24.70 -6.54
C ASP A 188 3.75 25.57 -6.27
N TYR A 189 2.74 24.99 -5.62
CA TYR A 189 1.43 25.66 -5.39
C TYR A 189 1.27 26.07 -3.94
N ALA A 190 0.77 27.29 -3.73
CA ALA A 190 0.61 27.78 -2.38
C ALA A 190 -0.50 27.09 -1.64
N THR A 191 -1.54 26.67 -2.36
CA THR A 191 -2.65 25.91 -1.75
C THR A 191 -2.96 24.65 -2.57
N LEU A 192 -3.71 23.75 -1.94
CA LEU A 192 -4.20 22.53 -2.62
C LEU A 192 -5.11 22.87 -3.78
N ALA A 193 -6.05 23.80 -3.57
CA ALA A 193 -6.99 24.14 -4.60
C ALA A 193 -6.35 24.70 -5.85
N GLU A 194 -5.27 25.49 -5.70
CA GLU A 194 -4.48 26.03 -6.85
C GLU A 194 -3.76 25.02 -7.77
N SER A 195 -3.49 23.85 -7.21
CA SER A 195 -2.87 22.75 -7.97
C SER A 195 -3.87 22.00 -8.86
N TYR A 196 -5.16 22.17 -8.64
CA TYR A 196 -6.16 21.30 -9.31
C TYR A 196 -6.16 21.32 -10.82
N GLY A 197 -6.42 22.47 -11.45
CA GLY A 197 -6.60 22.50 -12.89
C GLY A 197 -5.38 22.01 -13.65
N ASP A 198 -4.21 22.42 -13.21
CA ASP A 198 -2.97 22.07 -13.88
C ASP A 198 -2.75 20.53 -13.74
N THR A 199 -3.09 19.99 -12.59
CA THR A 199 -2.93 18.55 -12.32
C THR A 199 -3.86 17.70 -13.20
N VAL A 200 -5.11 18.13 -13.34
CA VAL A 200 -6.04 17.47 -14.22
C VAL A 200 -5.46 17.37 -15.61
N GLN A 201 -4.86 18.45 -16.12
N GLN A 201 -4.86 18.44 -16.12
CA GLN A 201 -4.30 18.40 -17.46
CA GLN A 201 -4.32 18.41 -17.48
C GLN A 201 -3.23 17.30 -17.56
C GLN A 201 -3.14 17.40 -17.62
N VAL A 202 -2.34 17.23 -16.56
CA VAL A 202 -1.26 16.22 -16.58
C VAL A 202 -1.86 14.82 -16.45
N MET A 203 -2.85 14.68 -15.53
CA MET A 203 -3.55 13.37 -15.39
C MET A 203 -4.06 12.86 -16.74
N ARG A 204 -4.64 13.75 -17.53
CA ARG A 204 -5.28 13.33 -18.77
C ARG A 204 -4.28 12.81 -19.81
N THR A 205 -2.99 13.12 -19.64
CA THR A 205 -1.96 12.56 -20.53
C THR A 205 -1.67 11.10 -20.23
N LEU A 206 -2.09 10.64 -19.04
CA LEU A 206 -1.85 9.30 -18.53
C LEU A 206 -0.38 8.99 -18.22
N THR A 207 0.45 10.00 -18.19
CA THR A 207 1.88 9.86 -17.98
C THR A 207 2.27 10.44 -16.63
N PRO A 208 2.58 9.60 -15.66
CA PRO A 208 3.03 10.09 -14.36
C PRO A 208 4.38 10.83 -14.47
N SER A 209 4.51 11.91 -13.70
CA SER A 209 5.78 12.58 -13.57
C SER A 209 6.76 11.78 -12.68
N HIS A 210 6.19 11.03 -11.75
CA HIS A 210 6.85 10.34 -10.63
C HIS A 210 5.97 9.15 -10.30
N ILE A 211 6.59 8.02 -9.95
CA ILE A 211 5.82 6.90 -9.44
C ILE A 211 6.56 6.44 -8.21
N VAL A 212 5.98 6.64 -7.04
CA VAL A 212 6.76 6.50 -5.79
C VAL A 212 6.15 5.44 -4.86
N PHE A 213 7.01 4.76 -4.10
CA PHE A 213 6.56 3.99 -2.96
C PHE A 213 6.45 4.86 -1.73
N ASN A 214 5.34 4.76 -1.01
CA ASN A 214 5.15 5.34 0.33
C ASN A 214 5.47 6.85 0.35
N GLY A 215 5.06 7.54 -0.72
CA GLY A 215 5.08 9.00 -0.73
C GLY A 215 6.29 9.75 -1.21
N LYS A 216 7.36 9.06 -1.53
CA LYS A 216 8.54 9.75 -2.04
C LYS A 216 9.57 8.85 -2.67
N VAL A 217 10.34 9.39 -3.60
CA VAL A 217 11.45 8.66 -4.20
C VAL A 217 12.38 8.28 -3.01
N GLY A 218 12.75 7.01 -2.93
CA GLY A 218 13.61 6.57 -1.84
C GLY A 218 13.02 6.43 -0.47
N ALA A 219 11.70 6.54 -0.31
CA ALA A 219 11.03 6.34 0.96
C ALA A 219 11.52 5.10 1.70
N LEU A 220 11.67 3.99 0.99
CA LEU A 220 12.05 2.69 1.58
C LEU A 220 13.49 2.28 1.24
N THR A 221 14.39 3.24 1.39
CA THR A 221 15.81 3.03 1.16
C THR A 221 16.62 3.61 2.32
N GLY A 222 17.90 3.26 2.40
CA GLY A 222 18.79 3.79 3.49
C GLY A 222 18.31 3.43 4.88
N ALA A 223 18.24 4.44 5.75
CA ALA A 223 17.83 4.23 7.13
C ALA A 223 16.40 3.71 7.19
N ASN A 224 15.66 3.90 6.09
CA ASN A 224 14.29 3.49 5.97
C ASN A 224 14.06 2.21 5.15
N ALA A 225 15.11 1.49 4.74
CA ALA A 225 14.90 0.15 4.13
C ALA A 225 14.08 -0.77 5.02
N LEU A 226 13.33 -1.65 4.38
CA LEU A 226 12.68 -2.74 5.09
C LEU A 226 13.78 -3.71 5.60
N THR A 227 13.46 -4.45 6.66
CA THR A 227 14.45 -5.41 7.23
C THR A 227 13.88 -6.79 7.40
N ALA A 228 14.77 -7.77 7.30
CA ALA A 228 14.41 -9.13 7.65
C ALA A 228 15.66 -9.93 8.01
N LYS A 229 15.45 -11.21 8.33
CA LYS A 229 16.58 -12.17 8.49
C LYS A 229 16.36 -13.42 7.69
N VAL A 230 17.46 -14.10 7.32
CA VAL A 230 17.34 -15.46 6.78
C VAL A 230 16.44 -16.33 7.67
N GLY A 231 15.53 -17.06 7.03
CA GLY A 231 14.56 -17.91 7.69
C GLY A 231 13.25 -17.28 8.10
N GLU A 232 13.15 -15.96 7.98
CA GLU A 232 11.93 -15.23 8.30
C GLU A 232 11.08 -15.14 7.02
N THR A 233 9.76 -15.26 7.21
CA THR A 233 8.77 -15.13 6.14
C THR A 233 8.17 -13.73 6.26
N VAL A 234 8.23 -12.95 5.17
CA VAL A 234 7.68 -11.58 5.14
C VAL A 234 6.45 -11.61 4.26
N LEU A 235 5.44 -10.88 4.67
CA LEU A 235 4.29 -10.58 3.84
C LEU A 235 4.52 -9.18 3.31
N LEU A 236 4.45 -9.05 1.97
CA LEU A 236 4.50 -7.77 1.28
C LEU A 236 3.15 -7.47 0.64
N ILE A 237 2.48 -6.56 1.29
CA ILE A 237 1.17 -6.01 0.89
C ILE A 237 1.51 -4.88 -0.10
N HIS A 238 0.91 -4.89 -1.29
CA HIS A 238 1.22 -3.88 -2.28
C HIS A 238 -0.09 -3.32 -2.78
N SER A 239 -0.31 -2.02 -2.56
CA SER A 239 -1.54 -1.41 -3.05
C SER A 239 -1.22 -0.44 -4.16
N GLN A 240 -2.11 -0.37 -5.18
CA GLN A 240 -2.06 0.63 -6.27
C GLN A 240 -3.51 0.95 -6.61
N ALA A 241 -3.97 2.12 -6.12
CA ALA A 241 -5.41 2.49 -6.19
C ALA A 241 -5.83 3.03 -7.55
N ASN A 242 -4.86 3.34 -8.41
CA ASN A 242 -5.11 4.01 -9.73
C ASN A 242 -4.50 3.38 -10.97
N ARG A 243 -3.41 2.63 -10.85
N ARG A 243 -3.43 2.60 -10.85
CA ARG A 243 -2.60 2.29 -12.02
CA ARG A 243 -2.70 2.22 -12.05
C ARG A 243 -1.96 0.94 -11.79
C ARG A 243 -1.98 0.93 -11.79
N ASP A 244 -1.81 0.15 -12.85
CA ASP A 244 -1.19 -1.14 -12.73
C ASP A 244 0.28 -1.02 -12.31
N THR A 245 0.72 -2.03 -11.60
CA THR A 245 2.14 -2.21 -11.29
C THR A 245 2.47 -3.71 -11.29
N ARG A 246 3.76 -3.96 -11.27
CA ARG A 246 4.33 -5.36 -11.45
C ARG A 246 5.49 -5.59 -10.48
N PRO A 247 5.15 -5.86 -9.22
CA PRO A 247 6.22 -6.07 -8.18
C PRO A 247 7.16 -7.24 -8.43
N HIS A 248 8.42 -7.02 -8.06
CA HIS A 248 9.49 -8.00 -8.21
C HIS A 248 10.47 -7.82 -7.07
N LEU A 249 10.87 -8.91 -6.46
CA LEU A 249 11.95 -8.89 -5.49
C LEU A 249 13.25 -9.36 -6.13
N ILE A 250 14.24 -8.48 -6.28
CA ILE A 250 15.49 -8.81 -7.01
C ILE A 250 16.34 -9.70 -6.12
N GLY A 251 16.69 -10.84 -6.67
CA GLY A 251 17.36 -11.90 -5.91
C GLY A 251 16.45 -12.78 -5.12
N GLY A 252 15.11 -12.53 -5.13
CA GLY A 252 14.14 -13.38 -4.49
C GLY A 252 13.00 -13.77 -5.44
N HIS A 253 11.88 -14.13 -4.84
CA HIS A 253 10.68 -14.59 -5.53
C HIS A 253 9.45 -14.21 -4.72
N GLY A 254 8.28 -14.40 -5.32
CA GLY A 254 7.02 -14.51 -4.63
C GLY A 254 6.81 -16.00 -4.31
N ASP A 255 7.04 -16.44 -3.07
CA ASP A 255 6.90 -17.88 -2.80
C ASP A 255 5.47 -18.33 -2.94
N TRP A 256 4.57 -17.56 -2.37
CA TRP A 256 3.13 -17.70 -2.51
C TRP A 256 2.56 -16.29 -2.70
N VAL A 257 1.81 -16.08 -3.77
CA VAL A 257 1.32 -14.77 -4.11
C VAL A 257 -0.13 -14.87 -4.50
N TRP A 258 -0.88 -13.91 -3.99
CA TRP A 258 -2.27 -13.67 -4.35
C TRP A 258 -2.24 -12.32 -5.06
N GLU A 259 -1.99 -12.29 -6.36
CA GLU A 259 -1.76 -10.99 -7.03
C GLU A 259 -3.08 -10.18 -7.15
N THR A 260 -4.24 -10.85 -7.26
CA THR A 260 -5.56 -10.22 -7.17
C THR A 260 -5.96 -9.93 -5.73
N GLY A 261 -5.25 -10.51 -4.77
CA GLY A 261 -5.31 -10.17 -3.38
C GLY A 261 -6.39 -10.79 -2.54
N LYS A 262 -6.93 -11.94 -2.95
CA LYS A 262 -8.17 -12.49 -2.38
C LYS A 262 -7.89 -13.91 -1.87
N PHE A 263 -7.79 -14.03 -0.55
CA PHE A 263 -7.26 -15.21 0.12
C PHE A 263 -8.09 -16.48 0.02
N ALA A 264 -9.35 -16.42 -0.44
CA ALA A 264 -10.13 -17.63 -0.64
C ALA A 264 -9.71 -18.34 -1.92
N ASN A 265 -8.90 -17.68 -2.75
CA ASN A 265 -8.38 -18.26 -3.97
C ASN A 265 -6.99 -18.83 -3.71
N PRO A 266 -6.64 -19.95 -4.37
CA PRO A 266 -5.30 -20.49 -4.14
C PRO A 266 -4.24 -19.54 -4.65
N PRO A 267 -3.13 -19.41 -3.92
CA PRO A 267 -2.00 -18.63 -4.42
C PRO A 267 -1.22 -19.31 -5.49
N GLN A 268 -0.43 -18.52 -6.23
CA GLN A 268 0.53 -19.04 -7.18
C GLN A 268 1.87 -19.06 -6.49
N ARG A 269 2.75 -20.00 -6.87
CA ARG A 269 4.05 -20.12 -6.29
C ARG A 269 5.15 -19.81 -7.29
N ASP A 270 6.28 -19.42 -6.74
CA ASP A 270 7.56 -19.23 -7.43
C ASP A 270 7.60 -18.05 -8.37
N LEU A 271 6.72 -17.07 -8.15
CA LEU A 271 6.67 -15.99 -9.11
C LEU A 271 7.98 -15.15 -9.12
N GLU A 272 8.35 -14.71 -10.31
CA GLU A 272 9.41 -13.77 -10.49
C GLU A 272 8.86 -12.35 -10.31
N THR A 273 7.71 -12.10 -10.94
CA THR A 273 7.11 -10.77 -11.00
C THR A 273 5.62 -11.05 -10.99
N TRP A 274 4.87 -10.29 -10.24
CA TRP A 274 3.44 -10.46 -10.17
C TRP A 274 2.76 -9.16 -10.61
N PHE A 275 1.43 -9.10 -10.61
CA PHE A 275 0.72 -7.95 -11.19
C PHE A 275 -0.35 -7.47 -10.27
N ILE A 276 -0.27 -6.20 -9.90
CA ILE A 276 -1.31 -5.55 -9.13
C ILE A 276 -2.06 -4.65 -10.07
N ARG A 277 -3.33 -4.99 -10.25
CA ARG A 277 -4.22 -4.17 -11.09
C ARG A 277 -4.52 -2.86 -10.43
N GLY A 278 -4.51 -1.77 -11.19
CA GLY A 278 -4.89 -0.50 -10.70
C GLY A 278 -6.26 -0.58 -10.05
N GLY A 279 -6.35 -0.07 -8.81
CA GLY A 279 -7.59 -0.29 -8.05
C GLY A 279 -7.65 -1.57 -7.20
N SER A 280 -6.50 -2.07 -6.78
CA SER A 280 -6.46 -3.31 -5.95
C SER A 280 -5.21 -3.33 -5.10
N ALA A 281 -5.25 -4.26 -4.14
CA ALA A 281 -4.11 -4.61 -3.32
C ALA A 281 -3.87 -6.08 -3.46
N GLY A 282 -2.59 -6.45 -3.60
CA GLY A 282 -2.14 -7.82 -3.64
C GLY A 282 -1.19 -8.11 -2.47
N ALA A 283 -0.83 -9.39 -2.29
CA ALA A 283 -0.03 -9.87 -1.13
C ALA A 283 0.90 -10.99 -1.57
N ALA A 284 2.16 -10.93 -1.17
CA ALA A 284 3.11 -11.97 -1.46
C ALA A 284 3.75 -12.36 -0.16
N LEU A 285 4.03 -13.67 -0.06
CA LEU A 285 4.91 -14.17 1.03
C LEU A 285 6.26 -14.55 0.45
N TYR A 286 7.33 -14.27 1.16
CA TYR A 286 8.65 -14.80 0.78
C TYR A 286 9.44 -15.12 2.04
N THR A 287 10.09 -16.28 2.04
CA THR A 287 10.99 -16.66 3.14
C THR A 287 12.42 -16.41 2.68
N PHE A 288 13.13 -15.52 3.36
CA PHE A 288 14.49 -15.24 2.99
C PHE A 288 15.44 -16.45 3.18
N LYS A 289 16.26 -16.73 2.18
CA LYS A 289 17.26 -17.80 2.22
C LYS A 289 18.71 -17.29 2.11
N GLN A 290 18.90 -16.05 1.65
CA GLN A 290 20.20 -15.41 1.56
C GLN A 290 20.17 -14.05 2.25
N PRO A 291 21.29 -13.67 2.88
CA PRO A 291 21.41 -12.34 3.42
C PRO A 291 21.74 -11.37 2.32
N GLY A 292 21.70 -10.09 2.65
CA GLY A 292 22.11 -9.04 1.72
C GLY A 292 21.02 -8.05 1.49
N VAL A 293 21.29 -7.08 0.63
N VAL A 293 21.34 -7.04 0.69
CA VAL A 293 20.36 -5.98 0.36
CA VAL A 293 20.36 -6.05 0.32
C VAL A 293 19.62 -6.21 -0.96
C VAL A 293 19.63 -6.61 -0.91
N TYR A 294 18.31 -6.52 -0.86
CA TYR A 294 17.43 -6.88 -1.98
C TYR A 294 16.81 -5.59 -2.45
N ALA A 295 16.32 -5.56 -3.68
CA ALA A 295 15.53 -4.41 -4.15
C ALA A 295 14.15 -4.98 -4.40
N TYR A 296 13.15 -4.25 -3.93
CA TYR A 296 11.74 -4.60 -4.20
C TYR A 296 11.19 -3.47 -5.07
N LEU A 297 10.68 -3.78 -6.27
CA LEU A 297 10.41 -2.72 -7.21
C LEU A 297 9.37 -3.11 -8.22
N ASN A 298 8.81 -2.08 -8.85
CA ASN A 298 8.01 -2.21 -10.10
C ASN A 298 8.92 -2.60 -11.27
N HIS A 299 8.67 -3.74 -11.93
CA HIS A 299 9.58 -4.20 -13.01
C HIS A 299 9.28 -3.64 -14.41
N ASN A 300 8.60 -2.50 -14.50
CA ASN A 300 8.91 -1.58 -15.54
C ASN A 300 10.09 -0.80 -15.00
N LEU A 301 11.29 -1.12 -15.49
CA LEU A 301 12.50 -0.60 -14.82
C LEU A 301 12.60 0.91 -15.00
N ILE A 302 12.00 1.47 -16.05
CA ILE A 302 11.93 2.97 -16.16
C ILE A 302 11.09 3.52 -15.01
N GLU A 303 9.91 2.93 -14.80
CA GLU A 303 9.06 3.36 -13.69
C GLU A 303 9.77 3.21 -12.35
N ALA A 304 10.58 2.15 -12.20
CA ALA A 304 11.35 1.93 -10.93
C ALA A 304 12.50 2.95 -10.82
N PHE A 305 13.44 2.85 -11.73
CA PHE A 305 14.74 3.57 -11.55
C PHE A 305 14.70 5.04 -11.94
N GLU A 306 13.91 5.37 -12.94
CA GLU A 306 13.77 6.80 -13.38
C GLU A 306 12.70 7.52 -12.61
N LEU A 307 11.54 6.87 -12.40
CA LEU A 307 10.40 7.54 -11.82
C LEU A 307 10.16 7.36 -10.35
N GLY A 308 10.80 6.35 -9.73
CA GLY A 308 10.85 6.24 -8.26
C GLY A 308 10.25 4.99 -7.63
N ALA A 309 9.74 4.02 -8.41
CA ALA A 309 9.01 2.92 -7.84
C ALA A 309 9.89 1.71 -7.42
N ALA A 310 10.71 1.96 -6.40
CA ALA A 310 11.71 0.97 -5.89
C ALA A 310 12.10 1.20 -4.47
N GLY A 311 12.21 0.12 -3.73
CA GLY A 311 12.69 0.13 -2.36
C GLY A 311 13.73 -0.95 -2.13
N HIS A 312 14.24 -0.97 -0.89
CA HIS A 312 15.26 -1.95 -0.46
C HIS A 312 14.78 -2.74 0.77
N ILE A 313 15.30 -3.98 0.86
CA ILE A 313 15.08 -4.85 2.02
C ILE A 313 16.45 -5.34 2.42
N LYS A 314 16.84 -5.05 3.66
CA LYS A 314 18.19 -5.40 4.18
C LYS A 314 18.03 -6.62 5.07
N VAL A 315 18.68 -7.71 4.66
CA VAL A 315 18.47 -9.01 5.26
C VAL A 315 19.72 -9.55 5.93
N GLU A 316 19.55 -9.89 7.21
CA GLU A 316 20.66 -10.44 8.04
C GLU A 316 20.79 -11.95 7.89
N GLY A 317 22.00 -12.47 8.11
CA GLY A 317 22.19 -13.93 8.11
C GLY A 317 23.40 -14.47 7.36
N LYS A 318 23.41 -15.79 7.23
CA LYS A 318 24.55 -16.53 6.70
C LYS A 318 24.32 -16.83 5.23
N TRP A 319 25.34 -16.59 4.42
CA TRP A 319 25.31 -16.89 2.99
C TRP A 319 25.33 -18.39 2.73
N ASN A 320 24.63 -18.79 1.68
CA ASN A 320 24.39 -20.17 1.36
C ASN A 320 24.97 -20.48 -0.06
N ASP A 321 26.11 -21.17 -0.11
CA ASP A 321 26.80 -21.44 -1.37
C ASP A 321 26.10 -22.44 -2.26
N ASP A 322 25.23 -23.25 -1.67
CA ASP A 322 24.40 -24.18 -2.40
C ASP A 322 23.42 -23.44 -3.30
N LEU A 323 22.73 -22.45 -2.75
CA LEU A 323 21.82 -21.62 -3.58
C LEU A 323 22.57 -20.76 -4.59
N MET A 324 23.70 -20.17 -4.19
CA MET A 324 24.50 -19.33 -5.10
C MET A 324 25.95 -19.19 -4.65
N LYS A 325 26.86 -19.39 -5.60
CA LYS A 325 28.29 -19.27 -5.36
C LYS A 325 29.01 -18.56 -6.51
N GLN A 326 29.84 -17.58 -6.17
CA GLN A 326 30.79 -17.01 -7.12
C GLN A 326 31.92 -18.02 -7.37
N ILE A 327 31.97 -18.59 -8.56
CA ILE A 327 32.93 -19.70 -8.83
C ILE A 327 34.27 -19.09 -9.23
N LYS A 328 34.22 -18.14 -10.15
CA LYS A 328 35.36 -17.33 -10.50
C LYS A 328 34.92 -15.87 -10.44
N ALA A 329 35.62 -15.08 -9.62
CA ALA A 329 35.35 -13.64 -9.55
C ALA A 329 35.79 -12.97 -10.85
N PRO A 330 35.26 -11.74 -11.11
CA PRO A 330 35.67 -10.99 -12.28
C PRO A 330 37.20 -10.90 -12.39
N ALA A 331 37.72 -11.20 -13.57
CA ALA A 331 39.16 -11.23 -13.81
C ALA A 331 39.42 -11.15 -15.30
N PRO A 332 40.67 -10.83 -15.75
CA PRO A 332 40.95 -10.75 -17.17
C PRO A 332 40.61 -11.98 -17.95
N ILE A 333 40.10 -11.79 -19.16
CA ILE A 333 39.80 -12.88 -20.09
C ILE A 333 41.12 -13.54 -20.46
N PRO A 334 41.26 -14.86 -20.22
CA PRO A 334 42.47 -15.60 -20.62
C PRO A 334 42.81 -15.48 -22.11
N ARG A 335 44.06 -15.15 -22.40
CA ARG A 335 44.59 -15.09 -23.76
C ARG A 335 45.36 -16.37 -24.01
#